data_3A0M
#
_entry.id   3A0M
#
_cell.length_a   26.124
_cell.length_b   26.366
_cell.length_c   79.939
_cell.angle_alpha   90.00
_cell.angle_beta   90.08
_cell.angle_gamma   90.00
#
_symmetry.space_group_name_H-M   'P 1 21 1'
#
loop_
_entity.id
_entity.type
_entity.pdbx_description
1 polymer 'collagen-like peptide'
2 water water
#
_entity_poly.entity_id   1
_entity_poly.type   'polypeptide(L)'
_entity_poly.pdbx_seq_one_letter_code
;PPGPPGPPGPPG(HYP)VGPPGPPGPPGPPG
;
_entity_poly.pdbx_strand_id   A,B,C,D,E,F
#
# COMPACT_ATOMS: atom_id res chain seq x y z
N PRO A 1 -21.88 -23.44 18.80
CA PRO A 1 -20.65 -22.99 18.13
C PRO A 1 -20.76 -21.54 17.66
N PRO A 2 -19.56 -21.02 17.40
CA PRO A 2 -19.55 -19.64 16.96
C PRO A 2 -20.30 -19.42 15.64
N GLY A 3 -20.67 -18.16 15.43
CA GLY A 3 -21.10 -17.69 14.11
C GLY A 3 -19.98 -17.77 13.08
N PRO A 4 -20.36 -17.54 11.84
CA PRO A 4 -19.34 -17.46 10.80
C PRO A 4 -18.55 -16.17 10.93
N PRO A 5 -17.44 -16.11 10.25
CA PRO A 5 -16.69 -14.87 10.15
C PRO A 5 -17.59 -13.79 9.55
N GLY A 6 -17.25 -12.52 9.88
CA GLY A 6 -17.88 -11.39 9.25
C GLY A 6 -17.49 -11.25 7.80
N PRO A 7 -18.13 -10.27 7.19
CA PRO A 7 -17.87 -9.94 5.80
C PRO A 7 -16.50 -9.26 5.69
N PRO A 8 -15.95 -9.15 4.47
CA PRO A 8 -14.71 -8.37 4.27
C PRO A 8 -14.86 -6.90 4.69
N GLY A 9 -13.77 -6.26 5.05
CA GLY A 9 -13.76 -4.82 5.26
C GLY A 9 -13.89 -4.05 3.99
N PRO A 10 -13.93 -2.75 4.13
CA PRO A 10 -14.05 -1.87 2.95
C PRO A 10 -12.74 -1.83 2.17
N PRO A 11 -12.78 -1.32 0.94
CA PRO A 11 -11.52 -1.11 0.21
C PRO A 11 -10.62 -0.13 0.95
N GLY A 12 -9.34 -0.26 0.69
CA GLY A 12 -8.34 0.66 1.27
C GLY A 12 -8.38 2.03 0.69
N VAL A 14 -7.27 5.23 -1.44
CA VAL A 14 -6.71 5.48 -2.75
C VAL A 14 -5.18 5.54 -2.65
N GLY A 15 -4.53 5.12 -3.71
CA GLY A 15 -3.07 5.22 -3.79
C GLY A 15 -2.59 6.66 -3.86
N PRO A 16 -1.27 6.82 -3.71
CA PRO A 16 -0.69 8.18 -3.75
C PRO A 16 -0.68 8.70 -5.18
N PRO A 17 -0.59 10.01 -5.33
CA PRO A 17 -0.40 10.57 -6.68
C PRO A 17 0.85 9.99 -7.33
N GLY A 18 0.78 9.91 -8.65
CA GLY A 18 1.94 9.62 -9.48
C GLY A 18 3.00 10.74 -9.41
N PRO A 19 4.13 10.46 -10.03
CA PRO A 19 5.23 11.44 -10.05
C PRO A 19 4.97 12.52 -11.11
N PRO A 20 5.75 13.59 -10.98
CA PRO A 20 5.74 14.59 -12.07
C PRO A 20 6.06 13.97 -13.40
N GLY A 21 5.45 14.53 -14.44
CA GLY A 21 5.75 14.14 -15.79
C GLY A 21 7.15 14.42 -16.23
N PRO A 22 7.45 14.02 -17.45
CA PRO A 22 8.79 14.25 -18.03
C PRO A 22 8.93 15.73 -18.38
N PRO A 23 10.18 16.17 -18.56
CA PRO A 23 10.41 17.54 -19.09
C PRO A 23 9.70 17.78 -20.43
N GLY A 24 9.37 19.06 -20.59
CA GLY A 24 9.08 19.56 -21.92
C GLY A 24 10.24 19.46 -22.86
N PRO A 25 9.94 19.72 -24.14
CA PRO A 25 11.01 19.72 -25.13
C PRO A 25 11.88 20.94 -24.88
N PRO A 26 13.16 20.88 -25.25
CA PRO A 26 14.07 22.03 -25.13
C PRO A 26 13.66 23.25 -25.97
N PRO B 4 -22.83 -16.56 20.30
CA PRO B 4 -21.35 -16.50 20.24
C PRO B 4 -20.87 -16.00 18.89
N PRO B 5 -20.56 -14.74 18.76
CA PRO B 5 -20.26 -14.12 17.47
C PRO B 5 -19.11 -14.81 16.81
N GLY B 6 -19.11 -14.85 15.49
CA GLY B 6 -17.96 -15.27 14.71
C GLY B 6 -16.85 -14.26 14.81
N PRO B 7 -15.67 -14.58 14.28
CA PRO B 7 -14.56 -13.66 14.29
C PRO B 7 -14.75 -12.59 13.23
N PRO B 8 -13.95 -11.54 13.29
CA PRO B 8 -13.99 -10.52 12.23
C PRO B 8 -13.68 -11.09 10.86
N GLY B 9 -14.26 -10.44 9.87
CA GLY B 9 -14.02 -10.77 8.52
C GLY B 9 -12.63 -10.48 8.03
N PRO B 10 -12.36 -10.84 6.78
CA PRO B 10 -11.06 -10.62 6.16
C PRO B 10 -10.89 -9.17 5.78
N PRO B 11 -9.65 -8.78 5.53
CA PRO B 11 -9.34 -7.43 5.01
C PRO B 11 -10.06 -7.24 3.68
N GLY B 12 -10.45 -5.96 3.49
CA GLY B 12 -11.11 -5.63 2.21
C GLY B 12 -10.12 -5.52 1.05
N VAL B 14 -7.78 -4.02 -2.02
CA VAL B 14 -6.83 -2.92 -2.24
C VAL B 14 -7.58 -1.68 -2.76
N GLY B 15 -7.14 -0.51 -2.28
CA GLY B 15 -7.69 0.71 -2.80
C GLY B 15 -7.39 0.94 -4.25
N PRO B 16 -8.13 1.92 -4.83
CA PRO B 16 -7.89 2.19 -6.24
C PRO B 16 -6.59 2.89 -6.50
N PRO B 17 -6.13 2.94 -7.76
CA PRO B 17 -4.90 3.65 -8.11
C PRO B 17 -5.05 5.13 -7.76
N GLY B 18 -3.94 5.76 -7.38
CA GLY B 18 -3.91 7.18 -7.13
C GLY B 18 -4.11 7.99 -8.43
N PRO B 19 -4.23 9.32 -8.23
CA PRO B 19 -4.45 10.24 -9.33
C PRO B 19 -3.10 10.50 -10.02
N PRO B 20 -3.13 11.11 -11.19
CA PRO B 20 -1.90 11.47 -11.88
C PRO B 20 -1.06 12.47 -11.10
N GLY B 21 0.23 12.40 -11.32
CA GLY B 21 1.18 13.40 -10.86
C GLY B 21 0.94 14.73 -11.64
N PRO B 22 1.69 15.72 -11.19
CA PRO B 22 1.58 17.03 -11.88
C PRO B 22 2.37 17.03 -13.15
N PRO B 23 2.20 18.06 -13.99
CA PRO B 23 3.02 18.21 -15.21
C PRO B 23 4.49 18.24 -14.84
N GLY B 24 5.32 17.80 -15.78
CA GLY B 24 6.76 17.82 -15.58
C GLY B 24 7.33 19.22 -15.67
N PRO B 25 8.66 19.27 -15.46
CA PRO B 25 9.35 20.56 -15.50
C PRO B 25 9.42 21.10 -16.94
N PRO B 26 9.64 22.43 -17.05
CA PRO B 26 9.78 23.04 -18.38
C PRO B 26 11.02 22.43 -18.99
N GLY B 27 11.04 22.40 -20.34
CA GLY B 27 12.28 21.91 -20.92
C GLY B 27 13.30 23.00 -21.04
N GLY C 3 -24.67 -18.68 16.70
CA GLY C 3 -24.13 -17.34 16.94
C GLY C 3 -24.16 -16.49 15.70
N PRO C 4 -24.29 -15.18 15.86
CA PRO C 4 -24.31 -14.34 14.69
C PRO C 4 -22.96 -14.19 14.01
N PRO C 5 -23.00 -13.69 12.77
CA PRO C 5 -21.71 -13.48 12.13
C PRO C 5 -20.87 -12.45 12.84
N GLY C 6 -19.56 -12.55 12.68
CA GLY C 6 -18.65 -11.59 13.23
C GLY C 6 -18.71 -10.25 12.53
N PRO C 7 -17.97 -9.33 13.09
CA PRO C 7 -17.97 -7.98 12.53
C PRO C 7 -17.19 -7.95 11.24
N PRO C 8 -17.36 -6.87 10.48
CA PRO C 8 -16.56 -6.72 9.26
C PRO C 8 -15.06 -6.72 9.55
N GLY C 9 -14.36 -7.14 8.49
CA GLY C 9 -12.93 -7.08 8.54
C GLY C 9 -12.35 -5.69 8.44
N PRO C 10 -11.02 -5.59 8.51
CA PRO C 10 -10.38 -4.29 8.45
C PRO C 10 -10.37 -3.73 7.01
N PRO C 11 -10.13 -2.44 6.87
CA PRO C 11 -9.95 -1.88 5.52
C PRO C 11 -8.80 -2.58 4.80
N GLY C 12 -8.92 -2.65 3.49
CA GLY C 12 -7.85 -3.15 2.66
C GLY C 12 -6.67 -2.22 2.56
N VAL C 14 -3.61 0.29 1.06
CA VAL C 14 -3.47 1.47 0.20
C VAL C 14 -3.24 1.00 -1.24
N GLY C 15 -3.95 1.71 -2.15
CA GLY C 15 -3.83 1.45 -3.58
C GLY C 15 -2.47 1.88 -4.12
N PRO C 16 -2.26 1.50 -5.39
CA PRO C 16 -0.99 1.75 -6.06
C PRO C 16 -0.83 3.21 -6.50
N PRO C 17 0.39 3.68 -6.72
CA PRO C 17 0.53 5.06 -7.20
C PRO C 17 -0.15 5.26 -8.53
N GLY C 18 -0.58 6.52 -8.70
CA GLY C 18 -1.14 6.97 -9.96
C GLY C 18 -0.11 7.08 -11.07
N PRO C 19 -0.58 7.40 -12.28
CA PRO C 19 0.35 7.55 -13.39
C PRO C 19 1.13 8.87 -13.31
N PRO C 20 2.22 8.95 -14.07
CA PRO C 20 2.93 10.25 -14.16
C PRO C 20 2.05 11.32 -14.75
N GLY C 21 2.36 12.57 -14.37
CA GLY C 21 1.75 13.74 -15.02
C GLY C 21 2.21 13.81 -16.50
N PRO C 22 1.56 14.73 -17.24
CA PRO C 22 1.91 14.95 -18.64
C PRO C 22 3.22 15.69 -18.71
N PRO C 23 3.80 15.77 -19.90
CA PRO C 23 5.06 16.50 -20.06
C PRO C 23 4.91 17.98 -19.68
N GLY C 24 6.01 18.57 -19.20
CA GLY C 24 6.05 19.97 -18.94
C GLY C 24 6.07 20.75 -20.24
N PRO C 25 6.01 22.07 -20.02
CA PRO C 25 5.95 22.97 -21.15
C PRO C 25 7.21 23.03 -21.97
N PRO C 26 7.16 23.42 -23.23
CA PRO C 26 8.39 23.66 -23.98
C PRO C 26 9.23 24.73 -23.29
N GLY C 27 10.56 24.56 -23.37
CA GLY C 27 11.50 25.53 -22.82
C GLY C 27 11.22 26.96 -23.25
N GLY D 3 20.09 17.43 -19.63
CA GLY D 3 20.77 16.57 -18.63
C GLY D 3 19.99 15.29 -18.34
N PRO D 4 20.48 14.08 -18.10
CA PRO D 4 19.62 12.88 -17.92
C PRO D 4 18.91 12.88 -16.59
N PRO D 5 17.94 12.00 -16.51
CA PRO D 5 17.24 11.89 -15.23
C PRO D 5 18.18 11.29 -14.19
N GLY D 6 17.89 11.64 -12.93
CA GLY D 6 18.62 11.03 -11.83
C GLY D 6 18.18 9.57 -11.67
N PRO D 7 18.84 8.83 -10.74
CA PRO D 7 18.46 7.44 -10.49
C PRO D 7 17.14 7.31 -9.77
N PRO D 8 16.56 6.12 -9.69
CA PRO D 8 15.39 5.94 -8.87
C PRO D 8 15.64 6.30 -7.42
N GLY D 9 14.59 6.78 -6.77
CA GLY D 9 14.66 7.00 -5.37
C GLY D 9 14.80 5.73 -4.56
N PRO D 10 14.91 5.94 -3.24
CA PRO D 10 15.13 4.79 -2.35
C PRO D 10 13.83 4.03 -2.21
N PRO D 11 13.90 2.78 -1.76
CA PRO D 11 12.69 1.99 -1.43
C PRO D 11 11.85 2.75 -0.37
N GLY D 12 10.57 2.58 -0.46
CA GLY D 12 9.59 3.15 0.44
C GLY D 12 9.62 2.54 1.82
N VAL D 14 8.39 0.39 5.17
CA VAL D 14 7.83 -0.90 5.46
C VAL D 14 6.29 -0.77 5.54
N GLY D 15 5.61 -1.82 5.02
CA GLY D 15 4.15 -1.90 5.10
C GLY D 15 3.70 -2.10 6.53
N PRO D 16 2.40 -1.89 6.78
CA PRO D 16 1.84 -2.09 8.12
C PRO D 16 1.69 -3.57 8.43
N PRO D 17 1.44 -3.87 9.71
CA PRO D 17 1.27 -5.26 10.13
C PRO D 17 0.06 -5.89 9.47
N GLY D 18 0.17 -7.22 9.26
CA GLY D 18 -0.93 -8.03 8.81
C GLY D 18 -2.10 -8.06 9.74
N PRO D 19 -3.16 -8.68 9.28
CA PRO D 19 -4.34 -8.84 10.09
C PRO D 19 -4.17 -9.93 11.15
N PRO D 20 -5.04 -9.98 12.13
CA PRO D 20 -4.97 -11.09 13.10
C PRO D 20 -5.18 -12.42 12.42
N GLY D 21 -4.60 -13.46 13.05
CA GLY D 21 -4.85 -14.86 12.68
C GLY D 21 -6.26 -15.26 12.99
N PRO D 22 -6.61 -16.46 12.56
CA PRO D 22 -7.94 -17.00 12.80
C PRO D 22 -8.05 -17.40 14.28
N PRO D 23 -9.29 -17.64 14.70
CA PRO D 23 -9.52 -18.16 16.04
C PRO D 23 -8.83 -19.51 16.24
N GLY D 24 -8.52 -19.71 17.54
CA GLY D 24 -7.95 -21.02 17.90
C GLY D 24 -8.96 -22.12 17.74
N PRO D 25 -8.49 -23.33 17.96
CA PRO D 25 -9.37 -24.47 17.90
C PRO D 25 -10.27 -24.52 19.13
N PRO D 26 -11.31 -25.35 19.09
CA PRO D 26 -12.04 -25.43 20.35
C PRO D 26 -11.38 -26.42 21.32
N PRO E 1 21.81 22.84 -17.22
CA PRO E 1 21.40 22.58 -15.82
C PRO E 1 21.10 21.09 -15.60
N PRO E 2 20.95 20.75 -14.33
CA PRO E 2 20.69 19.35 -13.97
C PRO E 2 19.47 18.76 -14.69
N GLY E 3 19.50 17.47 -14.95
CA GLY E 3 18.36 16.75 -15.43
C GLY E 3 17.26 16.65 -14.39
N PRO E 4 16.12 16.06 -14.72
CA PRO E 4 15.01 16.00 -13.77
C PRO E 4 15.32 14.91 -12.73
N PRO E 5 14.64 14.99 -11.62
CA PRO E 5 14.69 13.89 -10.62
C PRO E 5 14.41 12.56 -11.29
N GLY E 6 15.03 11.51 -10.75
CA GLY E 6 14.62 10.15 -11.13
C GLY E 6 13.23 9.79 -10.67
N PRO E 7 12.76 8.61 -11.03
CA PRO E 7 11.45 8.15 -10.64
C PRO E 7 11.41 7.84 -9.13
N PRO E 8 10.25 7.79 -8.55
CA PRO E 8 10.11 7.27 -7.18
C PRO E 8 10.72 5.86 -7.07
N GLY E 9 11.19 5.53 -5.88
CA GLY E 9 11.70 4.20 -5.62
C GLY E 9 10.63 3.14 -5.66
N PRO E 10 11.09 1.89 -5.48
CA PRO E 10 10.17 0.77 -5.41
C PRO E 10 9.46 0.76 -4.05
N PRO E 11 8.36 0.01 -3.92
CA PRO E 11 7.71 -0.15 -2.63
C PRO E 11 8.68 -0.68 -1.58
N GLY E 12 8.37 -0.31 -0.35
CA GLY E 12 9.13 -0.75 0.79
C GLY E 12 8.92 -2.23 1.12
N VAL E 14 7.75 -5.73 2.81
CA VAL E 14 6.50 -6.29 3.30
C VAL E 14 6.41 -6.12 4.82
N GLY E 15 5.26 -5.76 5.33
CA GLY E 15 5.05 -5.59 6.75
C GLY E 15 5.17 -6.85 7.53
N PRO E 16 5.22 -6.72 8.86
CA PRO E 16 5.34 -7.88 9.75
C PRO E 16 4.02 -8.62 9.93
N PRO E 17 4.09 -9.80 10.43
CA PRO E 17 2.85 -10.58 10.68
C PRO E 17 1.95 -9.85 11.64
N GLY E 18 0.66 -10.10 11.46
CA GLY E 18 -0.36 -9.71 12.42
C GLY E 18 -0.26 -10.45 13.73
N PRO E 19 -1.10 -10.05 14.69
CA PRO E 19 -1.11 -10.73 15.98
C PRO E 19 -1.81 -12.08 15.86
N PRO E 20 -1.65 -12.96 16.88
CA PRO E 20 -2.48 -14.21 16.90
C PRO E 20 -3.94 -13.86 16.92
N GLY E 21 -4.73 -14.76 16.38
CA GLY E 21 -6.16 -14.70 16.50
C GLY E 21 -6.60 -14.81 17.96
N PRO E 22 -7.91 -14.67 18.18
CA PRO E 22 -8.46 -14.80 19.54
C PRO E 22 -8.56 -16.25 19.92
N PRO E 23 -8.79 -16.52 21.20
CA PRO E 23 -9.01 -17.91 21.52
C PRO E 23 -10.23 -18.55 20.86
N GLY E 24 -10.05 -19.88 20.83
CA GLY E 24 -11.10 -20.74 20.34
C GLY E 24 -12.34 -20.66 21.23
N PRO E 25 -13.41 -21.24 20.70
CA PRO E 25 -14.68 -21.22 21.43
C PRO E 25 -14.70 -22.38 22.42
N PRO F 4 24.41 17.72 -16.21
CA PRO F 4 24.61 16.66 -15.23
C PRO F 4 23.30 15.97 -14.87
N PRO F 5 23.41 14.75 -14.41
CA PRO F 5 22.20 14.06 -13.98
C PRO F 5 21.42 14.84 -12.90
N GLY F 6 20.10 14.61 -12.96
CA GLY F 6 19.24 15.09 -11.92
C GLY F 6 19.46 14.28 -10.64
N PRO F 7 18.77 14.76 -9.62
CA PRO F 7 18.92 14.08 -8.32
C PRO F 7 18.18 12.77 -8.25
N PRO F 8 18.47 11.91 -7.28
CA PRO F 8 17.63 10.71 -7.11
C PRO F 8 16.18 11.10 -6.95
N GLY F 9 15.27 10.21 -7.35
CA GLY F 9 13.87 10.39 -7.13
C GLY F 9 13.47 10.29 -5.66
N PRO F 10 12.22 10.53 -5.38
CA PRO F 10 11.73 10.45 -3.99
C PRO F 10 11.52 9.00 -3.54
N PRO F 11 11.34 8.82 -2.25
CA PRO F 11 11.08 7.46 -1.75
C PRO F 11 9.87 6.82 -2.40
N GLY F 12 9.96 5.48 -2.53
CA GLY F 12 8.86 4.70 -3.07
C GLY F 12 7.68 4.65 -2.10
N PRO F 13 6.63 3.99 -2.59
CA PRO F 13 5.53 3.86 -1.64
C PRO F 13 5.75 2.85 -0.53
N VAL F 14 4.51 2.90 0.12
CA VAL F 14 4.43 1.95 1.22
C VAL F 14 4.44 0.52 0.71
N PRO F 14 4.90 2.75 0.47
CA PRO F 14 5.02 1.71 1.51
C PRO F 14 4.90 0.35 0.85
N GLY F 15 5.10 -0.31 1.53
N GLY F 15 5.59 -0.58 1.49
CA GLY F 15 5.06 -1.74 1.25
CA GLY F 15 5.46 -1.99 1.14
C GLY F 15 3.72 -2.37 1.59
C GLY F 15 4.06 -2.51 1.40
N PRO F 16 3.57 -3.61 1.09
CA PRO F 16 2.36 -4.39 1.36
C PRO F 16 2.15 -4.59 2.86
N PRO F 17 0.91 -4.79 3.27
CA PRO F 17 0.72 -5.23 4.66
C PRO F 17 1.31 -6.63 4.75
N VAL F 17 1.06 -4.88 2.96
CA VAL F 17 0.68 -5.31 4.30
C VAL F 17 1.31 -6.63 4.75
N GLY F 18 1.65 -6.89 5.98
CA GLY F 18 2.20 -8.17 6.34
C GLY F 18 1.17 -9.28 6.28
N PRO F 19 1.65 -10.51 6.48
CA PRO F 19 0.83 -11.72 6.46
C PRO F 19 -0.04 -11.80 7.70
N PRO F 20 -1.08 -12.59 7.64
CA PRO F 20 -1.92 -12.82 8.83
C PRO F 20 -1.10 -13.43 9.95
N GLY F 21 -1.49 -13.11 11.18
CA GLY F 21 -0.92 -13.77 12.36
C GLY F 21 -1.32 -15.23 12.45
N PRO F 22 -0.77 -15.92 13.43
CA PRO F 22 -1.08 -17.35 13.62
C PRO F 22 -2.40 -17.54 14.29
N PRO F 23 -2.92 -18.78 14.31
CA PRO F 23 -4.18 -19.05 15.01
C PRO F 23 -4.03 -18.72 16.48
N GLY F 24 -5.14 -18.29 17.04
CA GLY F 24 -5.28 -18.10 18.48
C GLY F 24 -5.10 -19.37 19.28
N PRO F 25 -5.10 -19.18 20.57
CA PRO F 25 -4.93 -20.33 21.46
C PRO F 25 -6.24 -21.10 21.51
N PRO F 26 -6.15 -22.37 21.96
CA PRO F 26 -7.38 -23.13 22.11
C PRO F 26 -8.20 -22.48 23.20
N GLY F 27 -9.51 -22.72 23.06
CA GLY F 27 -10.45 -22.27 24.05
C GLY F 27 -10.59 -23.30 25.21
#